data_5TIW
#
_entry.id   5TIW
#
_cell.length_a   69.670
_cell.length_b   139.416
_cell.length_c   49.560
_cell.angle_alpha   90.00
_cell.angle_beta   90.00
_cell.angle_gamma   90.00
#
_symmetry.space_group_name_H-M   'P 21 21 2'
#
loop_
_entity.id
_entity.type
_entity.pdbx_description
1 polymer Sulfotransferase
2 non-polymer "ADENOSINE-3'-5'-DIPHOSPHATE"
3 non-polymer {(2S)-7-nitro-2-[(propan-2-ylamino)methyl]-1,2,3,4-tetrahydroquinolin-6-yl}methanol
4 non-polymer 'CALCIUM ION'
5 non-polymer BICINE
6 non-polymer 'TRIETHYLENE GLYCOL'
7 water water
#
_entity_poly.entity_id   1
_entity_poly.type   'polypeptide(L)'
_entity_poly.pdbx_seq_one_letter_code
;GAMSTTSTTIQVIGAGLPRTGTNSMKKALEIIYSKPCYHMYEIIFKKQSDISIWQQLIDETHKTTSDKRKIYNGLNELLN
GYIATTDLPSCSFYKELMTMYPNAKVLLTIRDKYDWLYSLRKVVLPKSTDPWKLKIEEGDQVLGIDSNFYKMSEDSLKFA
FQKNHINLDDDEILLECYDEYNRLVQEIVPPERLLIHHLGDGWESLCQFLNVDIPNGISYPCANSHHQMTQLTEQLIKHK
SLDDIIHMFPGLI
;
_entity_poly.pdbx_strand_id   A,B
#
# COMPACT_ATOMS: atom_id res chain seq x y z
N THR A 8 -16.84 -25.85 3.54
CA THR A 8 -16.04 -24.63 3.47
C THR A 8 -15.88 -24.01 4.86
N THR A 9 -14.70 -23.46 5.13
CA THR A 9 -14.38 -22.88 6.42
C THR A 9 -13.82 -21.47 6.21
N ILE A 10 -13.76 -20.71 7.30
CA ILE A 10 -13.24 -19.35 7.23
C ILE A 10 -11.74 -19.37 6.98
N GLN A 11 -11.33 -18.70 5.90
CA GLN A 11 -9.94 -18.56 5.54
C GLN A 11 -9.35 -17.18 5.86
N VAL A 12 -10.19 -16.15 5.91
CA VAL A 12 -9.75 -14.77 6.13
C VAL A 12 -10.71 -14.13 7.10
N ILE A 13 -10.17 -13.52 8.14
CA ILE A 13 -10.92 -12.82 9.18
C ILE A 13 -10.66 -11.33 9.00
N GLY A 14 -11.70 -10.57 8.72
CA GLY A 14 -11.54 -9.15 8.49
C GLY A 14 -11.76 -8.43 9.80
N ALA A 15 -10.72 -7.81 10.37
CA ALA A 15 -10.86 -7.14 11.65
C ALA A 15 -11.10 -5.63 11.51
N GLY A 16 -11.00 -5.08 10.32
CA GLY A 16 -11.19 -3.64 10.15
C GLY A 16 -12.59 -3.19 10.51
N LEU A 17 -12.67 -1.95 10.99
CA LEU A 17 -13.93 -1.39 11.44
C LEU A 17 -14.79 -0.96 10.26
N PRO A 18 -16.08 -0.72 10.49
CA PRO A 18 -16.93 -0.18 9.42
C PRO A 18 -16.36 1.12 8.89
N ARG A 19 -16.58 1.34 7.60
CA ARG A 19 -16.14 2.52 6.86
C ARG A 19 -14.63 2.59 6.65
N THR A 20 -13.95 1.44 6.60
CA THR A 20 -12.52 1.34 6.28
C THR A 20 -12.26 0.58 4.98
N GLY A 21 -13.27 0.39 4.14
CA GLY A 21 -13.10 -0.35 2.91
C GLY A 21 -13.52 -1.80 3.02
N THR A 22 -14.39 -2.13 3.98
CA THR A 22 -14.77 -3.53 4.21
C THR A 22 -15.61 -4.10 3.08
N ASN A 23 -16.46 -3.31 2.46
CA ASN A 23 -17.29 -3.87 1.39
C ASN A 23 -16.46 -4.13 0.15
N SER A 24 -15.53 -3.23 -0.16
CA SER A 24 -14.63 -3.52 -1.27
C SER A 24 -13.80 -4.76 -0.96
N MET A 25 -13.37 -4.93 0.28
CA MET A 25 -12.61 -6.12 0.63
C MET A 25 -13.46 -7.37 0.52
N LYS A 26 -14.71 -7.28 0.97
CA LYS A 26 -15.63 -8.39 0.78
C LYS A 26 -15.70 -8.78 -0.69
N LYS A 27 -15.84 -7.79 -1.57
CA LYS A 27 -15.92 -8.08 -2.99
C LYS A 27 -14.61 -8.63 -3.52
N ALA A 28 -13.48 -8.10 -3.03
CA ALA A 28 -12.17 -8.61 -3.45
C ALA A 28 -11.97 -10.07 -3.06
N LEU A 29 -12.39 -10.45 -1.84
CA LEU A 29 -12.23 -11.82 -1.39
C LEU A 29 -13.18 -12.76 -2.15
N GLU A 30 -14.39 -12.31 -2.47
CA GLU A 30 -15.30 -13.11 -3.28
C GLU A 30 -14.73 -13.36 -4.68
N ILE A 31 -14.03 -12.38 -5.25
CA ILE A 31 -13.33 -12.58 -6.51
C ILE A 31 -12.22 -13.62 -6.35
N ILE A 32 -11.44 -13.53 -5.28
CA ILE A 32 -10.29 -14.39 -5.12
C ILE A 32 -10.72 -15.84 -4.91
N TYR A 33 -11.71 -16.05 -4.06
CA TYR A 33 -12.07 -17.39 -3.59
C TYR A 33 -13.29 -17.97 -4.28
N SER A 34 -14.07 -17.17 -5.01
CA SER A 34 -15.32 -17.61 -5.63
C SER A 34 -16.27 -18.26 -4.63
N LYS A 35 -16.26 -17.74 -3.42
CA LYS A 35 -17.18 -18.18 -2.39
C LYS A 35 -17.56 -16.95 -1.60
N PRO A 36 -18.69 -16.98 -0.90
CA PRO A 36 -19.21 -15.76 -0.27
C PRO A 36 -18.36 -15.29 0.92
N CYS A 37 -18.35 -13.98 1.12
CA CYS A 37 -17.75 -13.32 2.27
C CYS A 37 -18.84 -12.58 3.04
N TYR A 38 -18.79 -12.68 4.36
CA TYR A 38 -19.82 -12.06 5.19
C TYR A 38 -19.52 -10.57 5.33
N HIS A 39 -20.60 -9.80 5.51
CA HIS A 39 -20.54 -8.35 5.63
C HIS A 39 -21.87 -7.89 6.20
N MET A 40 -21.92 -6.68 6.76
CA MET A 40 -23.19 -6.15 7.25
C MET A 40 -24.26 -6.20 6.17
N TYR A 41 -23.88 -6.01 4.91
N TYR A 41 -23.86 -5.94 4.92
CA TYR A 41 -24.87 -5.97 3.86
CA TYR A 41 -24.76 -5.98 3.77
C TYR A 41 -25.49 -7.34 3.59
C TYR A 41 -25.53 -7.31 3.72
N GLU A 42 -24.85 -8.43 4.05
CA GLU A 42 -25.54 -9.72 4.08
C GLU A 42 -26.73 -9.69 5.02
N ILE A 43 -26.57 -9.06 6.19
CA ILE A 43 -27.67 -8.92 7.13
C ILE A 43 -28.76 -8.03 6.55
N ILE A 44 -28.39 -6.83 6.10
CA ILE A 44 -29.40 -5.82 5.78
C ILE A 44 -30.21 -6.26 4.56
N PHE A 45 -29.53 -6.78 3.55
CA PHE A 45 -30.16 -7.02 2.25
C PHE A 45 -30.51 -8.47 1.99
N LYS A 46 -30.07 -9.40 2.82
CA LYS A 46 -30.28 -10.82 2.53
C LYS A 46 -30.78 -11.63 3.71
N LYS A 47 -30.34 -11.32 4.94
CA LYS A 47 -30.61 -12.18 6.07
C LYS A 47 -30.88 -11.39 7.35
N GLN A 48 -31.96 -10.61 7.33
CA GLN A 48 -32.31 -9.83 8.50
C GLN A 48 -32.59 -10.70 9.72
N SER A 49 -32.93 -11.98 9.52
CA SER A 49 -33.09 -12.87 10.66
C SER A 49 -31.77 -13.11 11.42
N ASP A 50 -30.63 -12.80 10.80
CA ASP A 50 -29.37 -12.91 11.55
C ASP A 50 -29.28 -11.89 12.69
N ILE A 51 -30.05 -10.79 12.64
CA ILE A 51 -29.90 -9.72 13.63
C ILE A 51 -30.07 -10.27 15.04
N SER A 52 -31.13 -11.05 15.24
CA SER A 52 -31.41 -11.52 16.59
C SER A 52 -30.37 -12.53 17.08
N ILE A 53 -29.73 -13.26 16.16
CA ILE A 53 -28.67 -14.20 16.53
C ILE A 53 -27.42 -13.45 16.95
N TRP A 54 -27.04 -12.44 16.16
CA TRP A 54 -25.91 -11.60 16.57
C TRP A 54 -26.18 -10.98 17.92
N GLN A 55 -27.41 -10.50 18.15
CA GLN A 55 -27.73 -9.88 19.43
C GLN A 55 -27.47 -10.85 20.58
N GLN A 56 -27.84 -12.12 20.41
CA GLN A 56 -27.60 -13.10 21.46
C GLN A 56 -26.10 -13.31 21.72
N LEU A 57 -25.29 -13.34 20.67
CA LEU A 57 -23.85 -13.41 20.81
C LEU A 57 -23.34 -12.18 21.54
N ILE A 58 -23.78 -11.01 21.13
CA ILE A 58 -23.26 -9.80 21.76
C ILE A 58 -23.67 -9.76 23.22
N ASP A 59 -24.93 -10.11 23.51
CA ASP A 59 -25.37 -10.20 24.90
C ASP A 59 -24.44 -11.09 25.73
N GLU A 60 -23.98 -12.21 25.15
CA GLU A 60 -23.10 -13.08 25.90
C GLU A 60 -21.78 -12.40 26.21
N THR A 61 -21.30 -11.51 25.34
CA THR A 61 -20.06 -10.80 25.62
C THR A 61 -20.21 -9.86 26.80
N HIS A 62 -21.43 -9.43 27.13
CA HIS A 62 -21.63 -8.50 28.22
C HIS A 62 -21.34 -9.13 29.58
N LYS A 63 -21.52 -10.45 29.68
CA LYS A 63 -21.23 -11.12 30.93
C LYS A 63 -19.77 -11.01 31.33
N THR A 64 -19.52 -11.05 32.65
CA THR A 64 -18.17 -10.92 33.16
C THR A 64 -17.28 -12.05 32.66
N THR A 65 -17.79 -13.27 32.66
CA THR A 65 -17.09 -14.43 32.11
C THR A 65 -18.00 -14.97 31.03
N SER A 66 -17.77 -14.53 29.81
CA SER A 66 -18.53 -15.01 28.66
C SER A 66 -18.21 -16.47 28.41
N ASP A 67 -19.24 -17.23 28.02
CA ASP A 67 -19.06 -18.60 27.56
C ASP A 67 -18.59 -18.52 26.11
N LYS A 68 -17.27 -18.63 25.92
CA LYS A 68 -16.72 -18.46 24.58
C LYS A 68 -17.21 -19.55 23.64
N ARG A 69 -17.47 -20.75 24.18
CA ARG A 69 -17.90 -21.84 23.32
C ARG A 69 -19.33 -21.65 22.82
N LYS A 70 -20.19 -21.01 23.62
CA LYS A 70 -21.50 -20.58 23.12
C LYS A 70 -21.32 -19.60 21.98
N ILE A 71 -20.35 -18.70 22.10
CA ILE A 71 -20.10 -17.74 21.02
C ILE A 71 -19.55 -18.43 19.78
N TYR A 72 -18.59 -19.35 19.93
CA TYR A 72 -18.10 -20.08 18.77
C TYR A 72 -19.24 -20.80 18.07
N ASN A 73 -20.15 -21.40 18.85
CA ASN A 73 -21.26 -22.14 18.26
C ASN A 73 -22.14 -21.24 17.42
N GLY A 74 -22.46 -20.07 17.96
CA GLY A 74 -23.29 -19.13 17.20
C GLY A 74 -22.58 -18.60 15.98
N LEU A 75 -21.30 -18.24 16.10
CA LEU A 75 -20.52 -17.83 14.95
C LEU A 75 -20.48 -18.89 13.85
N ASN A 76 -20.27 -20.16 14.22
CA ASN A 76 -20.23 -21.21 13.19
C ASN A 76 -21.54 -21.28 12.45
N GLU A 77 -22.64 -21.11 13.17
CA GLU A 77 -23.95 -21.19 12.52
C GLU A 77 -24.14 -20.00 11.59
N LEU A 78 -23.81 -18.80 12.06
CA LEU A 78 -23.98 -17.61 11.24
C LEU A 78 -23.10 -17.66 10.00
N LEU A 79 -21.89 -18.19 10.12
CA LEU A 79 -20.90 -18.08 9.06
C LEU A 79 -20.80 -19.35 8.21
N ASN A 80 -21.68 -20.31 8.44
CA ASN A 80 -21.73 -21.48 7.58
C ASN A 80 -21.91 -21.07 6.13
N GLY A 81 -21.05 -21.60 5.26
CA GLY A 81 -21.10 -21.34 3.85
C GLY A 81 -20.21 -20.21 3.39
N TYR A 82 -19.66 -19.44 4.32
CA TYR A 82 -18.80 -18.30 3.99
C TYR A 82 -17.34 -18.67 4.18
N ILE A 83 -16.49 -18.04 3.36
CA ILE A 83 -15.06 -18.28 3.39
C ILE A 83 -14.33 -17.13 4.06
N ALA A 84 -15.02 -16.05 4.39
CA ALA A 84 -14.35 -14.92 5.02
C ALA A 84 -15.43 -14.05 5.63
N THR A 85 -15.01 -13.12 6.48
N THR A 85 -14.97 -13.16 6.51
CA THR A 85 -15.98 -12.20 7.03
CA THR A 85 -15.79 -12.19 7.23
C THR A 85 -15.33 -10.85 7.27
C THR A 85 -15.22 -10.79 7.04
N THR A 86 -16.09 -9.79 6.99
CA THR A 86 -15.66 -8.40 7.15
C THR A 86 -16.79 -7.61 7.82
N ASP A 87 -16.44 -6.43 8.33
CA ASP A 87 -17.39 -5.44 8.83
C ASP A 87 -17.97 -5.81 10.18
N LEU A 88 -18.68 -4.87 10.78
CA LEU A 88 -19.47 -5.20 11.93
C LEU A 88 -20.61 -6.07 11.45
N PRO A 89 -21.13 -6.91 12.34
CA PRO A 89 -20.68 -7.21 13.71
C PRO A 89 -19.52 -8.19 13.80
N SER A 90 -19.17 -8.88 12.71
CA SER A 90 -18.19 -9.94 12.80
C SER A 90 -16.81 -9.44 13.20
N CYS A 91 -16.42 -8.23 12.77
CA CYS A 91 -15.05 -7.78 13.05
C CYS A 91 -14.76 -7.75 14.53
N SER A 92 -15.77 -7.41 15.34
CA SER A 92 -15.61 -7.32 16.78
C SER A 92 -15.31 -8.67 17.39
N PHE A 93 -15.55 -9.77 16.67
CA PHE A 93 -15.32 -11.14 17.13
C PHE A 93 -14.01 -11.71 16.57
N TYR A 94 -13.08 -10.86 16.10
CA TYR A 94 -11.91 -11.38 15.43
C TYR A 94 -11.10 -12.31 16.32
N LYS A 95 -11.07 -12.08 17.63
CA LYS A 95 -10.25 -12.93 18.50
C LYS A 95 -10.86 -14.32 18.62
N GLU A 96 -12.17 -14.38 18.78
CA GLU A 96 -12.89 -15.65 18.83
C GLU A 96 -12.78 -16.38 17.50
N LEU A 97 -12.90 -15.68 16.38
CA LEU A 97 -12.70 -16.29 15.07
C LEU A 97 -11.27 -16.83 14.90
N MET A 98 -10.26 -16.11 15.40
CA MET A 98 -8.90 -16.60 15.30
C MET A 98 -8.74 -17.92 16.04
N THR A 99 -9.39 -18.07 17.19
CA THR A 99 -9.33 -19.35 17.91
C THR A 99 -10.04 -20.46 17.16
N MET A 100 -11.22 -20.16 16.62
CA MET A 100 -11.99 -21.15 15.88
C MET A 100 -11.26 -21.61 14.63
N TYR A 101 -10.56 -20.69 13.97
CA TYR A 101 -9.97 -20.96 12.67
C TYR A 101 -8.50 -20.60 12.78
N PRO A 102 -7.71 -21.49 13.37
CA PRO A 102 -6.30 -21.14 13.66
C PRO A 102 -5.45 -20.92 12.42
N ASN A 103 -5.85 -21.45 11.27
CA ASN A 103 -5.11 -21.22 10.04
C ASN A 103 -5.59 -20.01 9.29
N ALA A 104 -6.65 -19.36 9.76
CA ALA A 104 -7.15 -18.21 9.02
C ALA A 104 -6.22 -17.02 9.18
N LYS A 105 -6.08 -16.24 8.10
CA LYS A 105 -5.33 -15.00 8.13
C LYS A 105 -6.26 -13.87 8.55
N VAL A 106 -5.67 -12.79 9.09
CA VAL A 106 -6.42 -11.67 9.61
C VAL A 106 -6.06 -10.44 8.79
N LEU A 107 -7.07 -9.71 8.35
N LEU A 107 -7.07 -9.66 8.42
CA LEU A 107 -6.92 -8.45 7.67
CA LEU A 107 -6.94 -8.46 7.61
C LEU A 107 -7.32 -7.33 8.61
C LEU A 107 -7.43 -7.25 8.41
N LEU A 108 -6.58 -6.23 8.54
CA LEU A 108 -6.98 -4.99 9.20
C LEU A 108 -7.02 -3.92 8.13
N THR A 109 -8.22 -3.57 7.71
CA THR A 109 -8.39 -2.42 6.84
C THR A 109 -8.39 -1.16 7.69
N ILE A 110 -7.74 -0.12 7.20
CA ILE A 110 -7.53 1.07 8.02
C ILE A 110 -7.47 2.28 7.11
N ARG A 111 -7.77 3.45 7.69
CA ARG A 111 -7.71 4.71 6.96
C ARG A 111 -7.49 5.84 7.96
N ASP A 112 -7.29 7.05 7.41
CA ASP A 112 -7.17 8.26 8.20
C ASP A 112 -8.36 8.36 9.14
N LYS A 113 -8.08 8.65 10.42
N LYS A 113 -8.08 8.64 10.43
CA LYS A 113 -9.13 8.60 11.43
CA LYS A 113 -9.15 8.59 11.42
C LYS A 113 -10.19 9.69 11.24
C LYS A 113 -10.21 9.68 11.21
N TYR A 114 -9.83 10.84 10.69
CA TYR A 114 -10.79 11.92 10.55
C TYR A 114 -11.74 11.68 9.38
N ASP A 115 -11.21 11.14 8.28
CA ASP A 115 -12.04 10.68 7.17
C ASP A 115 -12.98 9.56 7.65
N TRP A 116 -12.46 8.65 8.46
CA TRP A 116 -13.27 7.56 9.02
C TRP A 116 -14.44 8.09 9.85
N LEU A 117 -14.16 9.00 10.78
CA LEU A 117 -15.20 9.54 11.64
C LEU A 117 -16.34 10.15 10.82
N TYR A 118 -16.01 10.97 9.82
CA TYR A 118 -17.03 11.59 9.00
C TYR A 118 -17.87 10.53 8.27
N SER A 119 -17.19 9.53 7.71
CA SER A 119 -17.88 8.47 6.99
C SER A 119 -18.82 7.71 7.93
N LEU A 120 -18.34 7.41 9.13
CA LEU A 120 -19.16 6.71 10.12
C LEU A 120 -20.37 7.55 10.51
N ARG A 121 -20.17 8.86 10.73
CA ARG A 121 -21.26 9.76 11.09
C ARG A 121 -22.29 9.90 9.98
N LYS A 122 -21.86 9.82 8.71
CA LYS A 122 -22.79 10.08 7.61
C LYS A 122 -23.59 8.85 7.26
N VAL A 123 -23.08 7.65 7.59
CA VAL A 123 -23.65 6.40 7.10
C VAL A 123 -24.19 5.55 8.23
N VAL A 124 -23.43 5.43 9.32
CA VAL A 124 -23.61 4.40 10.33
C VAL A 124 -24.16 5.00 11.64
N LEU A 125 -23.51 6.04 12.16
CA LEU A 125 -23.72 6.49 13.54
C LEU A 125 -23.81 8.01 13.57
N PRO A 126 -24.87 8.57 13.03
CA PRO A 126 -25.06 10.01 13.12
C PRO A 126 -25.22 10.41 14.57
N LYS A 127 -24.87 11.64 14.87
CA LYS A 127 -25.12 12.13 16.20
C LYS A 127 -26.63 12.26 16.47
N SER A 128 -26.98 12.16 17.75
CA SER A 128 -28.39 12.08 18.13
C SER A 128 -29.19 13.28 17.63
N THR A 129 -28.55 14.43 17.42
CA THR A 129 -29.23 15.67 17.02
C THR A 129 -29.06 16.02 15.55
N ASP A 130 -28.43 15.14 14.78
CA ASP A 130 -28.26 15.39 13.36
C ASP A 130 -29.58 15.12 12.65
N PRO A 131 -30.14 16.09 11.91
CA PRO A 131 -31.37 15.81 11.16
C PRO A 131 -31.21 14.71 10.14
N TRP A 132 -29.97 14.44 9.72
CA TRP A 132 -29.77 13.36 8.76
C TRP A 132 -30.14 12.02 9.38
N LYS A 133 -30.04 11.90 10.71
CA LYS A 133 -30.42 10.67 11.39
C LYS A 133 -31.85 10.27 11.07
N LEU A 134 -32.75 11.26 10.92
CA LEU A 134 -34.14 10.93 10.60
C LEU A 134 -34.27 10.36 9.18
N LYS A 135 -33.49 10.89 8.24
CA LYS A 135 -33.51 10.37 6.88
C LYS A 135 -33.03 8.93 6.84
N ILE A 136 -31.94 8.63 7.57
CA ILE A 136 -31.47 7.26 7.64
C ILE A 136 -32.58 6.35 8.17
N GLU A 137 -33.23 6.79 9.25
CA GLU A 137 -34.32 5.99 9.82
C GLU A 137 -35.44 5.78 8.82
N GLU A 138 -35.80 6.83 8.06
CA GLU A 138 -36.90 6.69 7.09
C GLU A 138 -36.51 5.71 5.99
N GLY A 139 -35.30 5.85 5.45
CA GLY A 139 -34.87 4.94 4.40
C GLY A 139 -34.73 3.51 4.89
N ASP A 140 -34.27 3.35 6.13
CA ASP A 140 -34.18 2.03 6.71
C ASP A 140 -35.55 1.38 6.81
N GLN A 141 -36.53 2.12 7.34
CA GLN A 141 -37.91 1.63 7.37
C GLN A 141 -38.33 0.99 6.04
N VAL A 142 -37.92 1.59 4.91
CA VAL A 142 -38.20 0.99 3.60
C VAL A 142 -37.62 -0.41 3.50
N LEU A 143 -36.50 -0.66 4.18
CA LEU A 143 -35.81 -1.95 4.07
C LEU A 143 -36.29 -2.95 5.11
N GLY A 144 -37.26 -2.58 5.93
CA GLY A 144 -37.69 -3.44 7.01
C GLY A 144 -36.80 -3.39 8.23
N ILE A 145 -35.83 -2.48 8.25
CA ILE A 145 -34.91 -2.34 9.37
C ILE A 145 -35.59 -1.53 10.47
N ASP A 146 -35.55 -2.05 11.70
CA ASP A 146 -36.18 -1.41 12.84
C ASP A 146 -35.17 -1.27 13.98
N SER A 147 -35.69 -0.98 15.16
CA SER A 147 -34.87 -0.66 16.33
C SER A 147 -33.96 -1.81 16.74
N ASN A 148 -34.38 -3.06 16.51
CA ASN A 148 -33.54 -4.21 16.82
C ASN A 148 -32.21 -4.14 16.09
N PHE A 149 -32.22 -3.63 14.85
CA PHE A 149 -30.98 -3.52 14.11
C PHE A 149 -30.06 -2.51 14.76
N TYR A 150 -30.59 -1.31 15.05
CA TYR A 150 -29.77 -0.27 15.65
C TYR A 150 -29.16 -0.71 16.97
N LYS A 151 -29.93 -1.44 17.79
CA LYS A 151 -29.39 -1.91 19.05
C LYS A 151 -28.24 -2.88 18.82
N MET A 152 -28.40 -3.80 17.86
CA MET A 152 -27.35 -4.77 17.55
C MET A 152 -26.09 -4.10 17.01
N SER A 153 -26.26 -3.16 16.08
N SER A 153 -26.26 -3.15 16.09
CA SER A 153 -25.12 -2.47 15.48
CA SER A 153 -25.10 -2.51 15.49
C SER A 153 -24.36 -1.68 16.53
C SER A 153 -24.35 -1.67 16.51
N GLU A 154 -25.08 -0.92 17.35
CA GLU A 154 -24.43 -0.14 18.41
C GLU A 154 -23.74 -1.03 19.43
N ASP A 155 -24.42 -2.09 19.88
CA ASP A 155 -23.80 -2.98 20.87
C ASP A 155 -22.55 -3.64 20.30
N SER A 156 -22.56 -3.99 19.00
CA SER A 156 -21.37 -4.61 18.43
C SER A 156 -20.22 -3.62 18.35
N LEU A 157 -20.51 -2.34 18.07
CA LEU A 157 -19.43 -1.35 18.06
C LEU A 157 -18.87 -1.12 19.46
N LYS A 158 -19.74 -1.09 20.46
CA LYS A 158 -19.28 -0.99 21.84
C LYS A 158 -18.46 -2.21 22.27
N PHE A 159 -18.84 -3.40 21.81
CA PHE A 159 -18.03 -4.58 22.08
C PHE A 159 -16.65 -4.47 21.41
N ALA A 160 -16.59 -4.04 20.16
CA ALA A 160 -15.31 -3.77 19.52
C ALA A 160 -14.44 -2.83 20.34
N PHE A 161 -15.05 -1.77 20.85
CA PHE A 161 -14.34 -0.76 21.63
C PHE A 161 -14.20 -1.12 23.10
N GLN A 162 -14.71 -2.28 23.50
CA GLN A 162 -14.56 -2.77 24.87
C GLN A 162 -15.09 -1.76 25.88
N LYS A 163 -16.24 -1.18 25.57
CA LYS A 163 -16.89 -0.23 26.48
C LYS A 163 -18.28 -0.74 26.83
N ASN A 164 -18.66 -0.56 28.10
CA ASN A 164 -20.01 -0.88 28.56
C ASN A 164 -20.98 0.25 28.22
N HIS A 165 -20.55 1.50 28.45
N HIS A 165 -20.58 1.47 28.54
CA HIS A 165 -21.39 2.65 28.13
CA HIS A 165 -21.29 2.67 28.14
C HIS A 165 -20.48 3.78 27.64
C HIS A 165 -20.30 3.60 27.48
N ILE A 166 -20.77 4.31 26.46
CA ILE A 166 -20.03 5.44 25.91
C ILE A 166 -21.04 6.38 25.32
N ASN A 167 -20.78 7.67 25.48
CA ASN A 167 -21.56 8.67 24.77
C ASN A 167 -21.15 8.63 23.31
N LEU A 168 -22.00 8.05 22.48
CA LEU A 168 -21.65 7.87 21.08
C LEU A 168 -21.66 9.17 20.31
N ASP A 169 -22.14 10.24 20.91
CA ASP A 169 -22.12 11.55 20.29
C ASP A 169 -20.79 12.28 20.50
N ASP A 170 -19.84 11.68 21.20
CA ASP A 170 -18.59 12.31 21.56
C ASP A 170 -17.52 11.89 20.55
N ASP A 171 -17.15 12.82 19.66
CA ASP A 171 -16.17 12.49 18.62
C ASP A 171 -14.80 12.10 19.19
N GLU A 172 -14.34 12.76 20.28
CA GLU A 172 -13.07 12.37 20.86
C GLU A 172 -13.07 10.88 21.24
N ILE A 173 -14.13 10.43 21.89
CA ILE A 173 -14.16 9.03 22.31
C ILE A 173 -14.08 8.11 21.10
N LEU A 174 -14.80 8.43 20.04
CA LEU A 174 -14.77 7.59 18.84
C LEU A 174 -13.39 7.57 18.21
N LEU A 175 -12.72 8.73 18.15
CA LEU A 175 -11.37 8.77 17.60
C LEU A 175 -10.39 7.99 18.47
N GLU A 176 -10.49 8.16 19.80
CA GLU A 176 -9.63 7.43 20.72
C GLU A 176 -9.84 5.93 20.58
N CYS A 177 -11.10 5.50 20.50
CA CYS A 177 -11.42 4.09 20.39
C CYS A 177 -10.99 3.51 19.03
N TYR A 178 -11.12 4.27 17.96
CA TYR A 178 -10.62 3.81 16.66
C TYR A 178 -9.12 3.55 16.70
N ASP A 179 -8.36 4.53 17.18
CA ASP A 179 -6.92 4.36 17.29
C ASP A 179 -6.58 3.18 18.20
N GLU A 180 -7.24 3.07 19.35
CA GLU A 180 -6.92 2.01 20.29
C GLU A 180 -7.27 0.66 19.71
N TYR A 181 -8.39 0.56 19.00
CA TYR A 181 -8.81 -0.70 18.40
C TYR A 181 -7.78 -1.18 17.39
N ASN A 182 -7.38 -0.28 16.50
CA ASN A 182 -6.41 -0.64 15.49
C ASN A 182 -5.08 -1.01 16.11
N ARG A 183 -4.67 -0.29 17.17
CA ARG A 183 -3.45 -0.65 17.89
C ARG A 183 -3.56 -2.04 18.50
N LEU A 184 -4.71 -2.32 19.12
CA LEU A 184 -4.87 -3.60 19.82
C LEU A 184 -4.82 -4.76 18.85
N VAL A 185 -5.40 -4.62 17.66
CA VAL A 185 -5.30 -5.70 16.68
C VAL A 185 -3.84 -6.02 16.41
N GLN A 186 -3.02 -4.99 16.25
CA GLN A 186 -1.61 -5.23 15.98
C GLN A 186 -0.86 -5.80 17.17
N GLU A 187 -1.33 -5.51 18.39
CA GLU A 187 -0.74 -6.07 19.61
C GLU A 187 -1.11 -7.54 19.79
N ILE A 188 -2.34 -7.92 19.43
CA ILE A 188 -2.84 -9.26 19.69
C ILE A 188 -2.56 -10.27 18.56
N VAL A 189 -2.54 -9.84 17.31
CA VAL A 189 -2.40 -10.75 16.17
C VAL A 189 -0.92 -10.81 15.80
N PRO A 190 -0.31 -11.99 15.76
CA PRO A 190 1.08 -12.10 15.31
C PRO A 190 1.26 -11.51 13.92
N PRO A 191 2.33 -10.74 13.70
CA PRO A 191 2.46 -10.01 12.43
C PRO A 191 2.40 -10.90 11.22
N GLU A 192 2.89 -12.14 11.32
CA GLU A 192 2.88 -13.04 10.17
C GLU A 192 1.47 -13.43 9.77
N ARG A 193 0.51 -13.26 10.67
CA ARG A 193 -0.87 -13.60 10.43
C ARG A 193 -1.74 -12.38 10.15
N LEU A 194 -1.15 -11.19 10.09
CA LEU A 194 -1.89 -9.94 9.93
C LEU A 194 -1.42 -9.20 8.70
N LEU A 195 -2.35 -8.73 7.88
CA LEU A 195 -2.05 -7.76 6.85
C LEU A 195 -2.80 -6.49 7.19
N ILE A 196 -2.07 -5.38 7.28
CA ILE A 196 -2.69 -4.06 7.42
C ILE A 196 -2.86 -3.49 6.02
N HIS A 197 -4.12 -3.30 5.61
CA HIS A 197 -4.44 -2.88 4.25
C HIS A 197 -4.99 -1.46 4.32
N HIS A 198 -4.20 -0.49 3.84
CA HIS A 198 -4.62 0.90 3.83
C HIS A 198 -5.56 1.20 2.67
N LEU A 199 -6.55 2.01 2.95
CA LEU A 199 -7.48 2.38 1.90
C LEU A 199 -6.72 2.90 0.69
N GLY A 200 -7.02 2.34 -0.47
CA GLY A 200 -6.34 2.66 -1.71
C GLY A 200 -5.26 1.67 -2.14
N ASP A 201 -4.86 0.73 -1.27
CA ASP A 201 -3.71 -0.16 -1.52
C ASP A 201 -3.88 -1.10 -2.72
N GLY A 202 -5.07 -1.65 -2.92
CA GLY A 202 -5.30 -2.56 -4.07
C GLY A 202 -4.83 -4.00 -3.90
N TRP A 203 -4.67 -4.67 -5.06
CA TRP A 203 -4.48 -6.12 -5.07
C TRP A 203 -3.12 -6.56 -4.54
N GLU A 204 -2.06 -5.81 -4.83
CA GLU A 204 -0.70 -6.35 -4.68
C GLU A 204 -0.48 -6.98 -3.30
N SER A 205 -0.63 -6.18 -2.24
CA SER A 205 -0.30 -6.68 -0.91
C SER A 205 -1.28 -7.74 -0.44
N LEU A 206 -2.55 -7.63 -0.85
CA LEU A 206 -3.52 -8.63 -0.45
C LEU A 206 -3.23 -9.98 -1.10
N CYS A 207 -2.94 -9.97 -2.40
CA CYS A 207 -2.71 -11.23 -3.09
C CYS A 207 -1.44 -11.91 -2.60
N GLN A 208 -0.38 -11.14 -2.38
CA GLN A 208 0.84 -11.71 -1.78
C GLN A 208 0.53 -12.39 -0.44
N PHE A 209 -0.20 -11.69 0.44
CA PHE A 209 -0.52 -12.21 1.76
C PHE A 209 -1.30 -13.50 1.69
N LEU A 210 -2.19 -13.62 0.70
CA LEU A 210 -3.07 -14.77 0.56
C LEU A 210 -2.48 -15.83 -0.38
N ASN A 211 -1.29 -15.60 -0.91
CA ASN A 211 -0.60 -16.59 -1.76
C ASN A 211 -1.40 -16.89 -3.02
N VAL A 212 -1.95 -15.85 -3.63
CA VAL A 212 -2.65 -15.95 -4.89
C VAL A 212 -2.07 -14.92 -5.84
N ASP A 213 -2.28 -15.15 -7.12
CA ASP A 213 -1.87 -14.21 -8.13
C ASP A 213 -2.85 -13.04 -8.17
N ILE A 214 -2.38 -11.94 -8.72
CA ILE A 214 -3.28 -10.80 -8.92
C ILE A 214 -4.31 -11.15 -10.00
N PRO A 215 -5.61 -10.95 -9.76
CA PRO A 215 -6.62 -11.30 -10.77
C PRO A 215 -6.38 -10.52 -12.06
N ASN A 216 -6.19 -11.24 -13.16
CA ASN A 216 -5.56 -10.65 -14.32
C ASN A 216 -6.17 -9.32 -14.74
N GLY A 217 -7.41 -9.33 -15.22
CA GLY A 217 -7.98 -8.12 -15.77
C GLY A 217 -9.13 -7.54 -14.96
N ILE A 218 -9.04 -7.63 -13.64
CA ILE A 218 -10.12 -7.25 -12.74
C ILE A 218 -9.59 -6.15 -11.83
N SER A 219 -10.26 -5.01 -11.83
CA SER A 219 -9.78 -3.93 -10.99
C SER A 219 -10.22 -4.15 -9.56
N TYR A 220 -9.45 -3.59 -8.63
CA TYR A 220 -9.77 -3.78 -7.23
C TYR A 220 -11.04 -2.98 -6.92
N PRO A 221 -11.98 -3.56 -6.19
CA PRO A 221 -13.27 -2.88 -6.01
C PRO A 221 -13.18 -1.53 -5.31
N CYS A 222 -14.13 -0.64 -5.65
CA CYS A 222 -14.19 0.68 -5.04
C CYS A 222 -15.67 0.94 -4.76
N ALA A 223 -16.14 0.38 -3.65
CA ALA A 223 -17.56 0.24 -3.36
C ALA A 223 -17.93 0.99 -2.08
N ASN A 224 -19.19 1.41 -2.01
CA ASN A 224 -19.82 1.72 -0.72
C ASN A 224 -19.41 3.10 -0.22
N SER A 225 -19.28 4.07 -1.11
CA SER A 225 -18.91 5.43 -0.66
C SER A 225 -20.06 6.10 0.08
N HIS A 226 -19.73 7.10 0.90
CA HIS A 226 -20.81 7.77 1.63
C HIS A 226 -21.72 8.50 0.65
N HIS A 227 -21.16 9.01 -0.44
N HIS A 227 -21.18 9.00 -0.46
CA HIS A 227 -21.96 9.64 -1.49
CA HIS A 227 -22.04 9.65 -1.44
C HIS A 227 -23.05 8.69 -1.99
C HIS A 227 -23.08 8.68 -1.98
N GLN A 228 -22.64 7.45 -2.29
CA GLN A 228 -23.60 6.46 -2.78
C GLN A 228 -24.60 6.10 -1.71
N MET A 229 -24.17 5.99 -0.45
CA MET A 229 -25.13 5.61 0.59
C MET A 229 -26.14 6.73 0.84
N THR A 230 -25.68 7.99 0.78
CA THR A 230 -26.61 9.10 0.90
C THR A 230 -27.63 9.09 -0.24
N GLN A 231 -27.16 8.89 -1.48
CA GLN A 231 -28.10 8.83 -2.60
C GLN A 231 -29.08 7.67 -2.45
N LEU A 232 -28.60 6.51 -1.96
CA LEU A 232 -29.49 5.38 -1.75
C LEU A 232 -30.58 5.69 -0.74
N THR A 233 -30.23 6.36 0.36
CA THR A 233 -31.21 6.72 1.37
C THR A 233 -32.27 7.65 0.76
N GLU A 234 -31.82 8.64 0.00
CA GLU A 234 -32.75 9.61 -0.58
C GLU A 234 -33.71 8.94 -1.54
N GLN A 235 -33.18 8.06 -2.39
CA GLN A 235 -34.02 7.34 -3.35
C GLN A 235 -34.94 6.35 -2.66
N LEU A 236 -34.49 5.69 -1.61
CA LEU A 236 -35.39 4.81 -0.88
C LEU A 236 -36.57 5.59 -0.32
N ILE A 237 -36.32 6.78 0.20
CA ILE A 237 -37.38 7.58 0.79
C ILE A 237 -38.36 8.04 -0.27
N LYS A 238 -37.84 8.46 -1.42
CA LYS A 238 -38.72 8.99 -2.46
C LYS A 238 -39.52 7.88 -3.12
N HIS A 239 -38.85 6.80 -3.54
CA HIS A 239 -39.46 5.77 -4.36
C HIS A 239 -40.10 4.64 -3.56
N LYS A 240 -39.73 4.49 -2.28
CA LYS A 240 -40.36 3.56 -1.35
C LYS A 240 -40.13 2.08 -1.69
N SER A 241 -39.08 1.75 -2.44
CA SER A 241 -38.81 0.36 -2.82
C SER A 241 -37.34 0.21 -3.18
N LEU A 242 -36.70 -0.81 -2.62
CA LEU A 242 -35.33 -1.10 -3.03
C LEU A 242 -35.29 -1.64 -4.46
N ASP A 243 -36.13 -2.62 -4.78
CA ASP A 243 -36.05 -3.24 -6.10
C ASP A 243 -36.23 -2.23 -7.22
N ASP A 244 -37.07 -1.22 -7.00
CA ASP A 244 -37.32 -0.24 -8.05
C ASP A 244 -36.22 0.82 -8.17
N ILE A 245 -35.28 0.91 -7.23
CA ILE A 245 -34.16 1.83 -7.34
C ILE A 245 -32.81 1.11 -7.41
N ILE A 246 -32.77 -0.20 -7.21
CA ILE A 246 -31.49 -0.88 -7.06
C ILE A 246 -30.61 -0.65 -8.27
N HIS A 247 -31.21 -0.57 -9.47
CA HIS A 247 -30.46 -0.37 -10.71
C HIS A 247 -29.71 0.95 -10.75
N MET A 248 -30.04 1.90 -9.86
CA MET A 248 -29.25 3.13 -9.75
C MET A 248 -27.97 2.92 -8.98
N PHE A 249 -27.78 1.76 -8.35
CA PHE A 249 -26.62 1.48 -7.51
C PHE A 249 -25.95 0.18 -7.97
N PRO A 250 -25.40 0.16 -9.19
CA PRO A 250 -24.78 -1.06 -9.71
C PRO A 250 -23.73 -1.62 -8.77
N GLY A 251 -23.69 -2.94 -8.67
CA GLY A 251 -22.73 -3.62 -7.81
C GLY A 251 -22.97 -3.50 -6.33
N LEU A 252 -24.16 -3.08 -5.91
CA LEU A 252 -24.41 -2.76 -4.50
C LEU A 252 -24.22 -3.98 -3.60
N ILE A 253 -24.99 -5.05 -3.85
CA ILE A 253 -24.98 -6.21 -2.97
C ILE A 253 -24.62 -7.48 -3.74
N THR B 8 23.27 -15.95 -16.03
CA THR B 8 23.55 -14.51 -16.01
C THR B 8 23.74 -14.02 -14.58
N THR B 9 24.69 -13.11 -14.41
CA THR B 9 25.04 -12.56 -13.11
C THR B 9 25.39 -11.08 -13.27
N ILE B 10 25.52 -10.37 -12.15
CA ILE B 10 25.74 -8.94 -12.20
C ILE B 10 27.19 -8.68 -12.59
N GLN B 11 27.39 -7.96 -13.69
CA GLN B 11 28.72 -7.57 -14.15
C GLN B 11 29.08 -6.13 -13.83
N VAL B 12 28.09 -5.27 -13.62
CA VAL B 12 28.34 -3.86 -13.32
C VAL B 12 27.40 -3.43 -12.21
N ILE B 13 27.97 -2.80 -11.18
CA ILE B 13 27.25 -2.25 -10.02
C ILE B 13 27.28 -0.74 -10.17
N GLY B 14 26.11 -0.13 -10.31
CA GLY B 14 26.00 1.31 -10.40
C GLY B 14 25.83 1.95 -9.04
N ALA B 15 26.85 2.64 -8.56
CA ALA B 15 26.79 3.23 -7.22
C ALA B 15 26.28 4.66 -7.23
N GLY B 16 26.13 5.27 -8.39
CA GLY B 16 25.68 6.65 -8.45
C GLY B 16 24.29 6.83 -7.89
N LEU B 17 24.08 7.97 -7.24
CA LEU B 17 22.81 8.33 -6.66
C LEU B 17 21.77 8.70 -7.71
N PRO B 18 20.50 8.71 -7.34
CA PRO B 18 19.45 9.10 -8.30
C PRO B 18 19.69 10.52 -8.80
N ARG B 19 19.26 10.75 -10.03
CA ARG B 19 19.40 12.03 -10.72
C ARG B 19 20.84 12.33 -11.11
N THR B 20 21.67 11.30 -11.33
CA THR B 20 23.06 11.46 -11.80
C THR B 20 23.25 10.83 -13.17
N GLY B 21 22.19 10.61 -13.91
CA GLY B 21 22.31 9.94 -15.18
C GLY B 21 22.18 8.43 -15.13
N THR B 22 21.50 7.91 -14.11
CA THR B 22 21.41 6.44 -13.96
C THR B 22 20.54 5.80 -15.03
N ASN B 23 19.48 6.46 -15.47
CA ASN B 23 18.62 5.85 -16.48
C ASN B 23 19.34 5.80 -17.83
N SER B 24 20.09 6.84 -18.15
CA SER B 24 20.92 6.77 -19.35
C SER B 24 21.99 5.67 -19.23
N MET B 25 22.59 5.51 -18.04
CA MET B 25 23.57 4.46 -17.86
C MET B 25 22.90 3.10 -17.97
N LYS B 26 21.69 2.98 -17.43
CA LYS B 26 20.94 1.73 -17.58
C LYS B 26 20.78 1.40 -19.06
N LYS B 27 20.40 2.40 -19.86
CA LYS B 27 20.15 2.15 -21.28
C LYS B 27 21.46 1.89 -22.00
N ALA B 28 22.53 2.56 -21.57
CA ALA B 28 23.84 2.34 -22.16
C ALA B 28 24.34 0.91 -21.91
N LEU B 29 24.14 0.42 -20.69
CA LEU B 29 24.55 -0.95 -20.38
C LEU B 29 23.68 -1.98 -21.08
N GLU B 30 22.38 -1.68 -21.32
CA GLU B 30 21.55 -2.59 -22.07
C GLU B 30 21.96 -2.62 -23.52
N ILE B 31 22.42 -1.49 -24.05
CA ILE B 31 22.99 -1.47 -25.41
C ILE B 31 24.23 -2.35 -25.48
N ILE B 32 25.16 -2.18 -24.53
CA ILE B 32 26.43 -2.90 -24.56
C ILE B 32 26.22 -4.41 -24.44
N TYR B 33 25.40 -4.83 -23.48
CA TYR B 33 25.33 -6.23 -23.11
C TYR B 33 24.12 -6.96 -23.66
N SER B 34 23.14 -6.24 -24.21
CA SER B 34 21.92 -6.84 -24.73
C SER B 34 21.24 -7.72 -23.69
N LYS B 35 21.29 -7.28 -22.45
CA LYS B 35 20.59 -7.93 -21.35
C LYS B 35 20.13 -6.83 -20.41
N PRO B 36 19.17 -7.13 -19.54
CA PRO B 36 18.53 -6.06 -18.75
C PRO B 36 19.43 -5.52 -17.64
N CYS B 37 19.22 -4.24 -17.34
CA CYS B 37 19.84 -3.53 -16.22
C CYS B 37 18.74 -3.03 -15.29
N TYR B 38 18.95 -3.20 -13.98
CA TYR B 38 17.95 -2.77 -13.02
C TYR B 38 18.03 -1.27 -12.81
N HIS B 39 16.90 -0.70 -12.41
CA HIS B 39 16.73 0.73 -12.24
C HIS B 39 15.38 0.90 -11.56
N MET B 40 15.19 2.06 -10.93
CA MET B 40 13.89 2.36 -10.32
C MET B 40 12.75 2.24 -11.32
N TYR B 41 12.98 2.54 -12.59
CA TYR B 41 11.95 2.38 -13.61
C TYR B 41 11.47 0.94 -13.70
N GLU B 42 12.34 -0.02 -13.46
CA GLU B 42 11.90 -1.40 -13.47
C GLU B 42 10.84 -1.64 -12.42
N ILE B 43 11.05 -1.09 -11.24
CA ILE B 43 10.11 -1.25 -10.14
C ILE B 43 8.79 -0.60 -10.51
N ILE B 44 8.85 0.67 -10.90
CA ILE B 44 7.65 1.46 -11.07
C ILE B 44 6.82 0.94 -12.24
N PHE B 45 7.45 0.66 -13.37
CA PHE B 45 6.70 0.31 -14.56
C PHE B 45 6.53 -1.18 -14.81
N LYS B 46 7.30 -2.04 -14.14
CA LYS B 46 7.28 -3.45 -14.48
C LYS B 46 7.10 -4.38 -13.29
N LYS B 47 7.60 -4.01 -12.09
CA LYS B 47 7.67 -4.94 -10.99
C LYS B 47 7.43 -4.23 -9.66
N GLN B 48 6.22 -3.70 -9.48
CA GLN B 48 5.89 -3.02 -8.22
C GLN B 48 5.91 -3.97 -7.04
N SER B 49 5.79 -5.28 -7.28
CA SER B 49 5.93 -6.24 -6.19
C SER B 49 7.32 -6.19 -5.56
N ASP B 50 8.32 -5.65 -6.26
CA ASP B 50 9.66 -5.56 -5.68
C ASP B 50 9.72 -4.58 -4.52
N ILE B 51 8.78 -3.63 -4.44
CA ILE B 51 8.83 -2.58 -3.43
C ILE B 51 8.89 -3.20 -2.04
N SER B 52 8.01 -4.14 -1.74
CA SER B 52 7.96 -4.68 -0.39
C SER B 52 9.19 -5.49 -0.07
N ILE B 53 9.79 -6.15 -1.08
CA ILE B 53 11.04 -6.88 -0.87
C ILE B 53 12.16 -5.91 -0.52
N TRP B 54 12.31 -4.84 -1.30
CA TRP B 54 13.29 -3.84 -0.95
C TRP B 54 13.07 -3.27 0.46
N GLN B 55 11.82 -3.01 0.83
CA GLN B 55 11.56 -2.49 2.16
C GLN B 55 12.01 -3.50 3.23
N GLN B 56 11.78 -4.80 2.99
CA GLN B 56 12.27 -5.81 3.92
C GLN B 56 13.79 -5.78 4.05
N LEU B 57 14.50 -5.57 2.93
CA LEU B 57 15.97 -5.53 3.02
C LEU B 57 16.43 -4.29 3.75
N ILE B 58 15.80 -3.15 3.50
CA ILE B 58 16.21 -1.93 4.19
C ILE B 58 15.89 -2.05 5.68
N ASP B 59 14.73 -2.61 6.00
CA ASP B 59 14.40 -2.84 7.42
C ASP B 59 15.44 -3.73 8.11
N GLU B 60 15.94 -4.75 7.40
CA GLU B 60 16.98 -5.60 7.99
C GLU B 60 18.23 -4.79 8.31
N THR B 61 18.56 -3.77 7.49
CA THR B 61 19.73 -2.93 7.79
C THR B 61 19.53 -2.15 9.08
N HIS B 62 18.28 -1.79 9.40
CA HIS B 62 18.00 -1.02 10.61
C HIS B 62 18.32 -1.80 11.89
N LYS B 63 18.39 -3.12 11.81
CA LYS B 63 18.60 -3.90 13.02
C LYS B 63 20.01 -3.69 13.54
N THR B 64 20.13 -3.78 14.87
CA THR B 64 21.45 -3.72 15.50
C THR B 64 22.38 -4.81 14.98
N THR B 65 21.87 -6.03 14.81
CA THR B 65 22.63 -7.15 14.28
C THR B 65 21.89 -7.60 13.03
N SER B 66 22.22 -7.01 11.89
CA SER B 66 21.58 -7.36 10.63
C SER B 66 22.08 -8.72 10.17
N ASP B 67 21.19 -9.47 9.51
CA ASP B 67 21.57 -10.73 8.90
C ASP B 67 21.96 -10.46 7.45
N LYS B 68 23.27 -10.36 7.21
CA LYS B 68 23.74 -9.97 5.89
C LYS B 68 23.31 -10.95 4.81
N ARG B 69 23.17 -12.24 5.16
CA ARG B 69 22.75 -13.20 4.14
C ARG B 69 21.28 -13.06 3.80
N LYS B 70 20.44 -12.57 4.71
CA LYS B 70 19.07 -12.23 4.32
C LYS B 70 19.11 -11.15 3.26
N ILE B 71 20.02 -10.21 3.41
CA ILE B 71 20.15 -9.13 2.43
C ILE B 71 20.73 -9.67 1.11
N TYR B 72 21.81 -10.45 1.19
CA TYR B 72 22.39 -11.02 -0.02
C TYR B 72 21.38 -11.85 -0.77
N ASN B 73 20.59 -12.66 -0.04
CA ASN B 73 19.59 -13.49 -0.73
C ASN B 73 18.51 -12.65 -1.38
N GLY B 74 18.05 -11.59 -0.69
CA GLY B 74 17.03 -10.74 -1.28
C GLY B 74 17.55 -10.07 -2.53
N LEU B 75 18.77 -9.52 -2.45
CA LEU B 75 19.37 -8.89 -3.62
C LEU B 75 19.47 -9.87 -4.78
N ASN B 76 19.85 -11.11 -4.51
CA ASN B 76 19.99 -12.10 -5.57
C ASN B 76 18.65 -12.41 -6.20
N GLU B 77 17.59 -12.50 -5.39
CA GLU B 77 16.25 -12.72 -5.92
C GLU B 77 15.81 -11.55 -6.79
N LEU B 78 15.99 -10.33 -6.28
CA LEU B 78 15.54 -9.14 -6.98
C LEU B 78 16.26 -8.98 -8.32
N LEU B 79 17.54 -9.32 -8.37
CA LEU B 79 18.39 -9.00 -9.50
C LEU B 79 18.60 -10.18 -10.42
N ASN B 80 17.92 -11.30 -10.17
CA ASN B 80 17.99 -12.46 -11.06
C ASN B 80 17.59 -12.07 -12.47
N GLY B 81 18.44 -12.41 -13.45
CA GLY B 81 18.19 -12.08 -14.82
C GLY B 81 18.75 -10.74 -15.27
N TYR B 82 19.26 -9.94 -14.35
CA TYR B 82 19.87 -8.68 -14.74
C TYR B 82 21.39 -8.80 -14.81
N ILE B 83 21.99 -8.02 -15.72
CA ILE B 83 23.44 -7.98 -15.89
C ILE B 83 24.07 -6.81 -15.15
N ALA B 84 23.27 -5.87 -14.68
CA ALA B 84 23.78 -4.67 -14.03
C ALA B 84 22.65 -4.07 -13.22
N THR B 85 23.02 -3.15 -12.34
CA THR B 85 22.04 -2.41 -11.58
C THR B 85 22.48 -0.96 -11.47
N THR B 86 21.51 -0.06 -11.44
CA THR B 86 21.72 1.38 -11.25
C THR B 86 20.57 1.94 -10.40
N ASP B 87 20.80 3.13 -9.88
CA ASP B 87 19.76 3.92 -9.22
C ASP B 87 19.41 3.38 -7.84
N LEU B 88 18.62 4.16 -7.12
CA LEU B 88 17.99 3.71 -5.90
C LEU B 88 17.00 2.68 -6.32
N PRO B 89 16.72 1.72 -5.45
CA PRO B 89 17.33 1.48 -4.15
C PRO B 89 18.66 0.72 -4.20
N SER B 90 18.99 0.16 -5.36
CA SER B 90 20.13 -0.74 -5.46
C SER B 90 21.45 -0.04 -5.15
N CYS B 91 21.59 1.23 -5.50
CA CYS B 91 22.87 1.91 -5.31
C CYS B 91 23.27 1.97 -3.84
N SER B 92 22.29 2.01 -2.94
CA SER B 92 22.58 2.04 -1.51
CA SER B 92 22.60 2.05 -1.52
C SER B 92 23.24 0.75 -1.01
N PHE B 93 23.09 -0.34 -1.77
CA PHE B 93 23.61 -1.65 -1.41
C PHE B 93 24.89 -1.97 -2.19
N TYR B 94 25.57 -0.95 -2.71
CA TYR B 94 26.73 -1.25 -3.55
C TYR B 94 27.80 -2.03 -2.80
N LYS B 95 27.97 -1.81 -1.49
CA LYS B 95 29.00 -2.56 -0.80
C LYS B 95 28.64 -4.04 -0.70
N GLU B 96 27.37 -4.32 -0.43
CA GLU B 96 26.90 -5.70 -0.37
C GLU B 96 27.01 -6.37 -1.74
N LEU B 97 26.61 -5.64 -2.78
CA LEU B 97 26.74 -6.17 -4.12
C LEU B 97 28.20 -6.44 -4.49
N MET B 98 29.13 -5.56 -4.10
CA MET B 98 30.53 -5.80 -4.39
C MET B 98 30.99 -7.11 -3.79
N THR B 99 30.52 -7.42 -2.58
CA THR B 99 30.86 -8.64 -1.88
C THR B 99 30.27 -9.87 -2.55
N MET B 100 29.02 -9.77 -2.98
CA MET B 100 28.33 -10.88 -3.63
C MET B 100 28.90 -11.17 -5.00
N TYR B 101 29.37 -10.13 -5.70
CA TYR B 101 29.79 -10.20 -7.09
C TYR B 101 31.19 -9.63 -7.19
N PRO B 102 32.18 -10.39 -6.73
CA PRO B 102 33.57 -9.87 -6.69
C PRO B 102 34.15 -9.55 -8.03
N ASN B 103 33.60 -10.08 -9.11
CA ASN B 103 34.07 -9.76 -10.45
C ASN B 103 33.40 -8.55 -11.05
N ALA B 104 32.37 -8.02 -10.38
CA ALA B 104 31.64 -6.91 -10.97
C ALA B 104 32.43 -5.63 -10.80
N LYS B 105 32.38 -4.81 -11.81
CA LYS B 105 32.99 -3.50 -11.73
C LYS B 105 31.97 -2.51 -11.20
N VAL B 106 32.45 -1.39 -10.70
CA VAL B 106 31.58 -0.40 -10.06
C VAL B 106 31.65 0.89 -10.85
N LEU B 107 30.49 1.46 -11.13
CA LEU B 107 30.37 2.74 -11.81
C LEU B 107 29.85 3.76 -10.80
N LEU B 108 30.46 4.94 -10.78
CA LEU B 108 29.96 6.06 -9.99
C LEU B 108 29.59 7.19 -10.96
N THR B 109 28.30 7.31 -11.25
CA THR B 109 27.80 8.44 -12.01
C THR B 109 27.67 9.64 -11.08
N ILE B 110 28.11 10.80 -11.58
CA ILE B 110 28.24 12.00 -10.75
C ILE B 110 27.94 13.23 -11.60
N ARG B 111 27.52 14.30 -10.92
CA ARG B 111 27.28 15.58 -11.61
C ARG B 111 27.46 16.73 -10.62
N ASP B 112 27.30 17.97 -11.11
CA ASP B 112 27.35 19.13 -10.22
C ASP B 112 26.29 18.99 -9.12
N LYS B 113 26.72 19.22 -7.86
CA LYS B 113 25.84 18.93 -6.73
C LYS B 113 24.58 19.79 -6.71
N TYR B 114 24.65 21.03 -7.20
CA TYR B 114 23.46 21.88 -7.19
C TYR B 114 22.49 21.47 -8.27
N ASP B 115 23.02 21.06 -9.43
CA ASP B 115 22.14 20.54 -10.46
C ASP B 115 21.47 19.27 -9.98
N TRP B 116 22.23 18.44 -9.28
CA TRP B 116 21.68 17.23 -8.67
C TRP B 116 20.56 17.55 -7.69
N LEU B 117 20.82 18.46 -6.75
CA LEU B 117 19.81 18.81 -5.75
C LEU B 117 18.51 19.28 -6.41
N TYR B 118 18.61 20.18 -7.39
CA TYR B 118 17.41 20.69 -8.02
C TYR B 118 16.61 19.57 -8.66
N SER B 119 17.32 18.67 -9.35
CA SER B 119 16.70 17.55 -10.04
C SER B 119 16.04 16.61 -9.05
N LEU B 120 16.72 16.34 -7.95
CA LEU B 120 16.20 15.49 -6.89
C LEU B 120 14.92 16.09 -6.32
N ARG B 121 14.94 17.40 -6.06
CA ARG B 121 13.75 18.04 -5.48
C ARG B 121 12.58 18.04 -6.45
N LYS B 122 12.85 18.06 -7.75
CA LYS B 122 11.77 18.09 -8.74
C LYS B 122 11.15 16.73 -9.00
N VAL B 123 11.88 15.63 -8.77
CA VAL B 123 11.46 14.29 -9.22
C VAL B 123 11.26 13.34 -8.06
N VAL B 124 12.21 13.30 -7.13
CA VAL B 124 12.41 12.20 -6.19
C VAL B 124 12.03 12.60 -4.77
N LEU B 125 12.51 13.74 -4.32
CA LEU B 125 12.45 14.09 -2.91
C LEU B 125 12.19 15.58 -2.78
N PRO B 126 10.99 16.03 -3.12
CA PRO B 126 10.65 17.43 -2.85
C PRO B 126 10.63 17.67 -1.36
N LYS B 127 10.75 18.93 -0.97
CA LYS B 127 10.54 19.27 0.42
C LYS B 127 9.12 18.93 0.84
N SER B 128 8.95 18.56 2.11
CA SER B 128 7.65 18.12 2.58
C SER B 128 6.60 19.21 2.49
N THR B 129 7.03 20.47 2.38
CA THR B 129 6.15 21.62 2.22
C THR B 129 5.86 22.01 0.77
N ASP B 130 6.38 21.26 -0.20
CA ASP B 130 6.25 21.64 -1.61
C ASP B 130 4.97 21.05 -2.16
N PRO B 131 4.04 21.88 -2.69
CA PRO B 131 2.79 21.33 -3.27
C PRO B 131 3.02 20.37 -4.42
N TRP B 132 4.15 20.47 -5.11
CA TRP B 132 4.47 19.48 -6.12
C TRP B 132 4.36 18.04 -5.59
N LYS B 133 4.62 17.82 -4.29
CA LYS B 133 4.46 16.49 -3.71
C LYS B 133 3.07 15.89 -4.01
N LEU B 134 2.04 16.73 -4.03
CA LEU B 134 0.70 16.19 -4.23
C LEU B 134 0.50 15.78 -5.68
N LYS B 135 1.14 16.51 -6.59
CA LYS B 135 1.12 16.16 -8.00
C LYS B 135 1.78 14.80 -8.22
N ILE B 136 2.96 14.62 -7.64
CA ILE B 136 3.66 13.36 -7.70
C ILE B 136 2.76 12.24 -7.19
N GLU B 137 2.08 12.48 -6.07
CA GLU B 137 1.31 11.40 -5.46
C GLU B 137 0.16 11.00 -6.36
N GLU B 138 -0.53 11.99 -6.91
CA GLU B 138 -1.68 11.71 -7.76
C GLU B 138 -1.26 10.98 -9.02
N GLY B 139 -0.15 11.42 -9.62
CA GLY B 139 0.38 10.73 -10.79
C GLY B 139 0.76 9.29 -10.48
N ASP B 140 1.43 9.08 -9.35
CA ASP B 140 1.81 7.73 -8.95
C ASP B 140 0.59 6.86 -8.68
N GLN B 141 -0.48 7.43 -8.11
CA GLN B 141 -1.69 6.65 -7.87
C GLN B 141 -2.25 6.11 -9.18
N VAL B 142 -2.10 6.87 -10.26
CA VAL B 142 -2.53 6.36 -11.56
C VAL B 142 -1.74 5.11 -11.94
N LEU B 143 -0.47 5.06 -11.57
CA LEU B 143 0.41 3.94 -11.86
C LEU B 143 0.19 2.77 -10.92
N GLY B 144 -0.65 2.93 -9.91
CA GLY B 144 -0.87 1.88 -8.92
C GLY B 144 0.05 1.93 -7.72
N ILE B 145 0.83 2.98 -7.59
CA ILE B 145 1.83 3.12 -6.52
C ILE B 145 1.19 3.62 -5.24
N ASP B 146 1.60 3.04 -4.11
CA ASP B 146 1.09 3.36 -2.78
C ASP B 146 2.11 4.15 -1.98
N SER B 147 1.66 4.65 -0.81
CA SER B 147 2.58 5.38 0.05
C SER B 147 3.75 4.51 0.49
N ASN B 148 3.60 3.18 0.47
CA ASN B 148 4.71 2.31 0.82
CA ASN B 148 4.72 2.34 0.84
C ASN B 148 5.89 2.53 -0.11
N PHE B 149 5.64 3.01 -1.34
CA PHE B 149 6.73 3.29 -2.25
C PHE B 149 7.60 4.43 -1.71
N TYR B 150 6.97 5.48 -1.18
CA TYR B 150 7.74 6.65 -0.77
C TYR B 150 8.56 6.35 0.46
N LYS B 151 8.03 5.52 1.37
CA LYS B 151 8.80 5.11 2.53
C LYS B 151 10.03 4.32 2.09
N MET B 152 9.85 3.43 1.10
CA MET B 152 10.97 2.63 0.64
C MET B 152 12.04 3.53 0.03
N SER B 153 11.63 4.46 -0.82
CA SER B 153 12.57 5.37 -1.49
C SER B 153 13.33 6.23 -0.48
N GLU B 154 12.61 6.83 0.47
CA GLU B 154 13.28 7.69 1.44
C GLU B 154 14.20 6.88 2.34
N ASP B 155 13.73 5.73 2.82
CA ASP B 155 14.60 4.88 3.64
C ASP B 155 15.83 4.44 2.86
N SER B 156 15.68 4.17 1.55
CA SER B 156 16.86 3.73 0.79
C SER B 156 17.86 4.88 0.64
N LEU B 157 17.39 6.11 0.48
CA LEU B 157 18.29 7.25 0.45
C LEU B 157 18.98 7.46 1.79
N LYS B 158 18.24 7.30 2.89
CA LYS B 158 18.86 7.46 4.20
C LYS B 158 19.91 6.39 4.43
N PHE B 159 19.65 5.18 3.91
CA PHE B 159 20.64 4.13 4.02
C PHE B 159 21.88 4.45 3.16
N ALA B 160 21.69 5.00 1.96
CA ALA B 160 22.84 5.43 1.18
C ALA B 160 23.72 6.38 1.97
N PHE B 161 23.08 7.36 2.63
CA PHE B 161 23.75 8.38 3.44
C PHE B 161 24.19 7.87 4.81
N GLN B 162 23.86 6.63 5.16
CA GLN B 162 24.18 6.04 6.45
C GLN B 162 23.76 6.93 7.61
N LYS B 163 22.58 7.51 7.50
CA LYS B 163 22.06 8.39 8.56
C LYS B 163 20.59 8.13 8.72
N ASN B 164 20.21 7.50 9.84
CA ASN B 164 18.81 7.17 10.11
C ASN B 164 18.01 8.37 10.62
N HIS B 165 18.65 9.34 11.25
CA HIS B 165 17.94 10.49 11.83
C HIS B 165 18.52 11.71 11.17
N ILE B 166 17.75 12.33 10.27
CA ILE B 166 18.27 13.38 9.41
C ILE B 166 17.08 14.18 8.88
N ASN B 167 17.28 15.50 8.73
CA ASN B 167 16.23 16.38 8.18
C ASN B 167 16.43 16.48 6.66
N LEU B 168 15.69 15.67 5.91
CA LEU B 168 15.83 15.67 4.45
C LEU B 168 15.27 16.92 3.79
N ASP B 169 14.56 17.75 4.53
CA ASP B 169 14.09 19.02 4.00
C ASP B 169 15.19 20.09 3.97
N ASP B 170 16.37 19.79 4.50
CA ASP B 170 17.48 20.75 4.55
C ASP B 170 18.42 20.54 3.36
N ASP B 171 18.42 21.52 2.44
CA ASP B 171 19.21 21.42 1.22
C ASP B 171 20.71 21.32 1.53
N GLU B 172 21.18 22.04 2.56
CA GLU B 172 22.60 22.02 2.89
C GLU B 172 23.01 20.65 3.38
N ILE B 173 22.12 19.98 4.12
CA ILE B 173 22.38 18.61 4.54
C ILE B 173 22.46 17.68 3.34
N LEU B 174 21.52 17.81 2.41
CA LEU B 174 21.54 16.90 1.26
C LEU B 174 22.81 17.10 0.46
N LEU B 175 23.24 18.36 0.32
CA LEU B 175 24.46 18.61 -0.45
C LEU B 175 25.67 18.01 0.22
N GLU B 176 25.75 18.06 1.56
CA GLU B 176 26.91 17.48 2.23
C GLU B 176 26.87 15.96 2.18
N CYS B 177 25.66 15.38 2.29
CA CYS B 177 25.54 13.94 2.18
C CYS B 177 25.94 13.47 0.80
N TYR B 178 25.55 14.21 -0.24
CA TYR B 178 25.91 13.85 -1.61
C TYR B 178 27.42 13.84 -1.78
N ASP B 179 28.08 14.92 -1.38
CA ASP B 179 29.54 14.95 -1.48
C ASP B 179 30.21 13.85 -0.67
N GLU B 180 29.73 13.59 0.56
CA GLU B 180 30.30 12.53 1.39
C GLU B 180 30.08 11.14 0.79
N TYR B 181 28.88 10.89 0.28
CA TYR B 181 28.62 9.61 -0.36
C TYR B 181 29.58 9.36 -1.50
N ASN B 182 29.74 10.35 -2.39
CA ASN B 182 30.61 10.14 -3.54
C ASN B 182 32.06 9.97 -3.11
N ARG B 183 32.47 10.75 -2.12
CA ARG B 183 33.81 10.60 -1.56
C ARG B 183 34.03 9.20 -0.99
N LEU B 184 33.05 8.65 -0.30
CA LEU B 184 33.23 7.33 0.29
C LEU B 184 33.30 6.25 -0.77
N VAL B 185 32.51 6.35 -1.84
CA VAL B 185 32.63 5.38 -2.92
C VAL B 185 34.07 5.35 -3.42
N GLN B 186 34.65 6.53 -3.63
CA GLN B 186 36.00 6.59 -4.18
C GLN B 186 37.03 6.08 -3.18
N GLU B 187 36.77 6.20 -1.88
CA GLU B 187 37.67 5.66 -0.88
C GLU B 187 37.56 4.14 -0.75
N ILE B 188 36.37 3.57 -0.85
CA ILE B 188 36.16 2.16 -0.56
C ILE B 188 36.40 1.27 -1.77
N VAL B 189 36.05 1.71 -2.97
CA VAL B 189 36.20 0.85 -4.15
C VAL B 189 37.64 0.94 -4.64
N PRO B 190 38.35 -0.17 -4.81
CA PRO B 190 39.70 -0.10 -5.40
C PRO B 190 39.69 0.65 -6.72
N PRO B 191 40.71 1.47 -6.98
CA PRO B 191 40.67 2.29 -8.20
C PRO B 191 40.48 1.48 -9.47
N GLU B 192 41.07 0.29 -9.56
CA GLU B 192 40.96 -0.52 -10.77
C GLU B 192 39.57 -1.11 -10.95
N ARG B 193 38.72 -1.05 -9.94
CA ARG B 193 37.38 -1.58 -10.00
C ARG B 193 36.32 -0.49 -10.16
N LEU B 194 36.73 0.78 -10.20
CA LEU B 194 35.84 1.92 -10.15
C LEU B 194 36.04 2.79 -11.38
N LEU B 195 34.93 3.20 -12.00
CA LEU B 195 34.93 4.29 -12.97
C LEU B 195 33.99 5.39 -12.49
N ILE B 196 34.52 6.61 -12.40
CA ILE B 196 33.71 7.78 -12.17
C ILE B 196 33.30 8.36 -13.53
N HIS B 197 32.02 8.37 -13.78
CA HIS B 197 31.46 8.79 -15.05
C HIS B 197 30.70 10.09 -14.82
N HIS B 198 31.22 11.21 -15.33
CA HIS B 198 30.57 12.50 -15.19
C HIS B 198 29.50 12.67 -16.24
N LEU B 199 28.41 13.34 -15.86
CA LEU B 199 27.34 13.62 -16.79
C LEU B 199 27.94 14.29 -18.02
N GLY B 200 27.67 13.71 -19.19
CA GLY B 200 28.22 14.18 -20.44
C GLY B 200 29.40 13.37 -20.96
N ASP B 201 29.98 12.47 -20.17
CA ASP B 201 31.21 11.77 -20.57
C ASP B 201 31.03 10.78 -21.72
N GLY B 202 29.83 10.30 -21.97
CA GLY B 202 29.60 9.44 -23.14
C GLY B 202 30.27 8.05 -23.08
N TRP B 203 30.39 7.47 -24.28
CA TRP B 203 30.78 6.07 -24.41
C TRP B 203 32.26 5.80 -24.09
N GLU B 204 33.18 6.71 -24.40
CA GLU B 204 34.60 6.37 -24.47
C GLU B 204 35.12 5.76 -23.17
N SER B 205 34.98 6.49 -22.06
CA SER B 205 35.58 6.01 -20.83
C SER B 205 34.85 4.77 -20.32
N LEU B 206 33.53 4.75 -20.51
CA LEU B 206 32.73 3.59 -20.10
C LEU B 206 33.18 2.34 -20.84
N CYS B 207 33.28 2.43 -22.17
CA CYS B 207 33.63 1.27 -22.95
C CYS B 207 35.04 0.79 -22.66
N GLN B 208 35.99 1.71 -22.49
CA GLN B 208 37.35 1.28 -22.16
C GLN B 208 37.41 0.56 -20.82
N PHE B 209 36.70 1.09 -19.82
CA PHE B 209 36.65 0.49 -18.48
C PHE B 209 36.08 -0.91 -18.55
N LEU B 210 35.04 -1.11 -19.36
CA LEU B 210 34.41 -2.42 -19.47
C LEU B 210 35.09 -3.33 -20.47
N ASN B 211 36.14 -2.84 -21.15
CA ASN B 211 36.85 -3.64 -22.16
C ASN B 211 35.91 -4.05 -23.30
N VAL B 212 35.15 -3.09 -23.81
CA VAL B 212 34.27 -3.34 -24.95
C VAL B 212 34.53 -2.26 -25.98
N ASP B 213 34.11 -2.52 -27.21
CA ASP B 213 34.27 -1.50 -28.22
C ASP B 213 33.20 -0.42 -28.06
N ILE B 214 33.48 0.75 -28.59
CA ILE B 214 32.48 1.83 -28.61
C ILE B 214 31.40 1.48 -29.63
N PRO B 215 30.11 1.58 -29.28
CA PRO B 215 29.04 1.29 -30.25
C PRO B 215 29.08 2.26 -31.42
N ASN B 216 29.19 1.70 -32.63
CA ASN B 216 29.55 2.51 -33.79
C ASN B 216 28.51 3.58 -34.09
N GLY B 217 27.30 3.16 -34.44
CA GLY B 217 26.33 4.13 -34.91
C GLY B 217 25.31 4.60 -33.91
N ILE B 218 25.60 4.47 -32.62
CA ILE B 218 24.61 4.62 -31.56
C ILE B 218 25.07 5.71 -30.60
N SER B 219 24.25 6.74 -30.44
CA SER B 219 24.59 7.87 -29.59
C SER B 219 24.37 7.47 -28.14
N TYR B 220 25.14 8.06 -27.25
CA TYR B 220 24.99 7.74 -25.84
C TYR B 220 23.64 8.25 -25.33
N PRO B 221 22.90 7.46 -24.56
CA PRO B 221 21.53 7.86 -24.20
C PRO B 221 21.46 9.18 -23.42
N CYS B 222 20.34 9.89 -23.61
CA CYS B 222 20.07 11.13 -22.87
C CYS B 222 18.59 11.08 -22.45
N ALA B 223 18.33 10.44 -21.32
CA ALA B 223 16.98 10.11 -20.89
C ALA B 223 16.69 10.66 -19.50
N ASN B 224 15.38 10.79 -19.22
CA ASN B 224 14.90 10.95 -17.85
C ASN B 224 15.15 12.35 -17.32
N SER B 225 14.99 13.37 -18.15
CA SER B 225 15.13 14.73 -17.64
C SER B 225 13.96 15.10 -16.71
N HIS B 226 14.21 16.07 -15.84
CA HIS B 226 13.13 16.50 -14.96
C HIS B 226 12.00 17.12 -15.75
N HIS B 227 12.30 17.73 -16.90
CA HIS B 227 11.23 18.25 -17.75
C HIS B 227 10.30 17.15 -18.18
N GLN B 228 10.86 16.04 -18.64
CA GLN B 228 10.07 14.89 -19.06
C GLN B 228 9.24 14.35 -17.91
N MET B 229 9.81 14.26 -16.70
CA MET B 229 9.07 13.67 -15.59
C MET B 229 7.94 14.58 -15.13
N THR B 230 8.16 15.87 -15.19
CA THR B 230 7.09 16.79 -14.85
C THR B 230 5.92 16.68 -15.84
N GLN B 231 6.24 16.59 -17.13
CA GLN B 231 5.19 16.42 -18.13
C GLN B 231 4.48 15.09 -17.94
N LEU B 232 5.23 14.03 -17.64
CA LEU B 232 4.59 12.75 -17.40
C LEU B 232 3.62 12.87 -16.23
N THR B 233 4.03 13.52 -15.16
CA THR B 233 3.17 13.60 -13.98
C THR B 233 1.88 14.33 -14.34
N GLU B 234 1.99 15.42 -15.05
CA GLU B 234 0.79 16.18 -15.39
C GLU B 234 -0.11 15.39 -16.31
N GLN B 235 0.46 14.66 -17.28
CA GLN B 235 -0.38 13.91 -18.20
C GLN B 235 -1.06 12.74 -17.50
N LEU B 236 -0.36 12.08 -16.57
CA LEU B 236 -0.98 11.02 -15.79
C LEU B 236 -2.20 11.54 -15.03
N ILE B 237 -2.07 12.73 -14.47
CA ILE B 237 -3.16 13.32 -13.66
C ILE B 237 -4.37 13.56 -14.55
N LYS B 238 -4.12 14.15 -15.72
CA LYS B 238 -5.18 14.48 -16.68
C LYS B 238 -5.86 13.23 -17.23
N HIS B 239 -5.08 12.29 -17.78
CA HIS B 239 -5.63 11.17 -18.52
C HIS B 239 -5.99 9.96 -17.65
N LYS B 240 -5.39 9.83 -16.47
CA LYS B 240 -5.67 8.73 -15.55
C LYS B 240 -5.33 7.37 -16.18
N SER B 241 -4.44 7.37 -17.18
CA SER B 241 -3.97 6.17 -17.85
C SER B 241 -2.56 6.42 -18.37
N LEU B 242 -1.67 5.44 -18.17
CA LEU B 242 -0.37 5.53 -18.81
C LEU B 242 -0.46 5.07 -20.26
N ASP B 243 -1.27 4.04 -20.50
CA ASP B 243 -1.42 3.54 -21.86
C ASP B 243 -1.87 4.65 -22.80
N ASP B 244 -2.75 5.55 -22.32
CA ASP B 244 -3.26 6.60 -23.18
C ASP B 244 -2.23 7.68 -23.47
N ILE B 245 -1.17 7.79 -22.67
CA ILE B 245 -0.18 8.85 -22.83
C ILE B 245 1.20 8.34 -23.23
N ILE B 246 1.47 7.05 -23.17
CA ILE B 246 2.84 6.57 -23.36
C ILE B 246 3.42 6.98 -24.72
N HIS B 247 2.58 7.14 -25.74
CA HIS B 247 3.11 7.54 -27.03
C HIS B 247 3.72 8.94 -27.04
N MET B 248 3.46 9.77 -26.04
CA MET B 248 4.10 11.07 -25.96
C MET B 248 5.45 11.06 -25.29
N PHE B 249 5.91 9.90 -24.80
CA PHE B 249 7.18 9.78 -24.09
C PHE B 249 8.02 8.66 -24.71
N PRO B 250 8.39 8.80 -25.98
CA PRO B 250 9.10 7.71 -26.67
C PRO B 250 10.43 7.39 -25.99
N GLY B 251 10.74 6.11 -25.95
CA GLY B 251 12.02 5.61 -25.49
C GLY B 251 12.27 5.75 -24.02
N LEU B 252 11.26 6.08 -23.23
CA LEU B 252 11.52 6.45 -21.85
C LEU B 252 11.57 5.25 -20.92
N ILE B 253 10.57 4.38 -20.97
CA ILE B 253 10.54 3.25 -20.05
C ILE B 253 11.11 2.03 -20.75
#